data_4U76
#
_entry.id   4U76
#
_cell.length_a   47.067
_cell.length_b   77.469
_cell.length_c   46.990
_cell.angle_alpha   90.00
_cell.angle_beta   92.43
_cell.angle_gamma   90.00
#
_symmetry.space_group_name_H-M   'P 1 21 1'
#
loop_
_entity.id
_entity.type
_entity.pdbx_description
1 polymer 'Methionine aminopeptidase 1'
2 non-polymer 'COBALT (II) ION'
3 non-polymer 'POTASSIUM ION'
4 non-polymer GLYCEROL
5 water water
#
_entity_poly.entity_id   1
_entity_poly.type   'polypeptide(L)'
_entity_poly.pdbx_seq_one_letter_code
;YRYTGKLRPHYPLMPTRPVPSYIQRPDYADHPLGMSESEQALKGTSQIKLLSSEDIEGMRLVCRLAREVLDVAAGMIKPG
VTTEEIDHAVHLACIARNCYPSPLNYYNFPKSCCTSVNEVICHGIPDRRPLQEGDIVNVDITLYRNGYHGDLNETFFVGE
VDDGARKLVQTTYECLMQAIDAVKPGVRYRELGNIIQKHAQANGFSVVRSYCGHGIHKLMHTAPNVPHYAKNKAVGVMKS
GHVFTIEPMICEGGWQDETWPDGWTAVTRDGKRSAQFEHTLLVTDTGCEILTRRLDSARPHFMSQF
;
_entity_poly.pdbx_strand_id   A
#
loop_
_chem_comp.id
_chem_comp.type
_chem_comp.name
_chem_comp.formula
CO non-polymer 'COBALT (II) ION' 'Co 2'
GOL non-polymer GLYCEROL 'C3 H8 O3'
K non-polymer 'POTASSIUM ION' 'K 1'
#
# COMPACT_ATOMS: atom_id res chain seq x y z
N TYR A 1 -18.95 19.33 -3.48
CA TYR A 1 -18.34 18.07 -4.02
C TYR A 1 -19.41 17.05 -4.36
N ARG A 2 -19.33 16.45 -5.52
CA ARG A 2 -20.27 15.38 -5.83
C ARG A 2 -19.58 14.04 -5.68
N TYR A 3 -20.08 13.21 -4.76
CA TYR A 3 -19.42 11.95 -4.44
C TYR A 3 -19.65 11.06 -5.62
N THR A 4 -18.78 10.08 -5.83
CA THR A 4 -18.84 9.23 -7.03
C THR A 4 -19.62 7.95 -6.81
N GLY A 5 -19.82 7.59 -5.53
CA GLY A 5 -20.41 6.32 -5.17
C GLY A 5 -21.31 6.51 -3.98
N LYS A 6 -21.60 5.42 -3.31
CA LYS A 6 -22.36 5.42 -2.10
C LYS A 6 -21.56 5.79 -0.86
N LEU A 7 -20.21 5.74 -0.90
CA LEU A 7 -19.43 5.96 0.34
C LEU A 7 -19.39 7.46 0.66
N ARG A 8 -19.35 7.82 1.94
CA ARG A 8 -19.17 9.21 2.36
C ARG A 8 -18.17 9.14 3.52
N PRO A 9 -17.44 10.25 3.81
CA PRO A 9 -16.64 10.33 5.06
C PRO A 9 -17.58 10.39 6.29
N HIS A 10 -17.16 9.78 7.39
CA HIS A 10 -17.88 9.81 8.64
C HIS A 10 -16.96 10.47 9.68
N TYR A 11 -17.22 11.76 9.89
CA TYR A 11 -16.49 12.63 10.81
C TYR A 11 -17.34 12.89 12.06
N PRO A 12 -16.75 13.52 13.09
CA PRO A 12 -15.37 13.89 13.28
C PRO A 12 -14.48 12.66 13.45
N LEU A 13 -13.19 12.87 13.22
CA LEU A 13 -12.23 11.89 13.57
C LEU A 13 -11.86 12.08 14.99
N MET A 14 -11.60 10.96 15.66
CA MET A 14 -10.94 11.00 17.01
C MET A 14 -9.67 11.86 16.98
N PRO A 15 -9.36 12.53 18.11
CA PRO A 15 -8.13 13.36 18.12
C PRO A 15 -6.90 12.52 17.68
N THR A 16 -5.97 13.18 16.98
CA THR A 16 -4.79 12.52 16.57
C THR A 16 -4.23 11.69 17.71
N ARG A 17 -3.91 10.45 17.38
CA ARG A 17 -3.37 9.51 18.37
C ARG A 17 -1.88 9.81 18.55
N PRO A 18 -1.43 9.92 19.84
CA PRO A 18 -0.04 10.21 20.22
C PRO A 18 0.92 9.02 19.94
N VAL A 19 2.18 9.29 19.59
CA VAL A 19 3.20 8.25 19.51
C VAL A 19 4.28 8.48 20.61
N PRO A 20 4.46 7.53 21.54
CA PRO A 20 5.34 7.90 22.67
C PRO A 20 6.68 8.33 22.17
N SER A 21 7.24 9.36 22.76
CA SER A 21 8.53 9.93 22.26
C SER A 21 9.68 8.98 22.26
N TYR A 22 9.57 7.79 22.87
CA TYR A 22 10.69 6.82 22.77
C TYR A 22 10.84 6.19 21.43
N ILE A 23 9.73 6.15 20.67
CA ILE A 23 9.72 5.66 19.29
C ILE A 23 10.45 6.63 18.42
N GLN A 24 11.37 6.16 17.60
CA GLN A 24 12.08 7.04 16.68
C GLN A 24 11.19 7.48 15.53
N ARG A 25 11.37 8.72 15.13
CA ARG A 25 10.48 9.42 14.25
C ARG A 25 11.15 9.69 12.90
N PRO A 26 10.40 9.52 11.80
CA PRO A 26 10.95 10.04 10.59
C PRO A 26 10.93 11.62 10.54
N ASP A 27 11.69 12.22 9.64
CA ASP A 27 11.77 13.73 9.62
C ASP A 27 10.38 14.43 9.57
N TYR A 28 9.43 13.88 8.81
CA TYR A 28 8.19 14.54 8.52
C TYR A 28 7.22 14.50 9.72
N ALA A 29 7.45 13.59 10.66
CA ALA A 29 6.57 13.44 11.82
C ALA A 29 6.39 14.73 12.56
N ASP A 30 7.41 15.58 12.67
CA ASP A 30 7.29 16.83 13.40
C ASP A 30 7.36 18.09 12.52
N HIS A 31 7.33 17.95 11.20
CA HIS A 31 7.24 19.09 10.31
C HIS A 31 5.78 19.52 10.25
N PRO A 32 5.49 20.84 10.28
CA PRO A 32 4.10 21.24 10.46
C PRO A 32 3.12 20.93 9.29
N LEU A 33 3.63 20.78 8.06
CA LEU A 33 2.83 20.35 6.89
C LEU A 33 3.14 18.92 6.52
N GLY A 34 3.89 18.26 7.38
CA GLY A 34 4.24 16.86 7.17
C GLY A 34 5.15 16.63 6.00
N MET A 35 5.98 17.60 5.64
CA MET A 35 6.90 17.42 4.54
C MET A 35 8.16 16.72 4.99
N SER A 36 8.80 16.05 4.05
CA SER A 36 9.97 15.26 4.36
C SER A 36 11.18 15.85 3.62
N GLU A 37 12.05 16.54 4.35
CA GLU A 37 13.34 17.07 3.81
C GLU A 37 14.04 16.04 2.92
N SER A 38 14.38 14.92 3.53
CA SER A 38 15.12 13.87 2.84
C SER A 38 14.47 13.38 1.54
N GLU A 39 13.15 13.26 1.48
CA GLU A 39 12.49 12.80 0.23
C GLU A 39 12.58 13.85 -0.85
N GLN A 40 12.30 15.07 -0.45
CA GLN A 40 12.34 16.19 -1.36
C GLN A 40 13.74 16.48 -1.89
N ALA A 41 14.73 16.47 -1.00
CA ALA A 41 16.16 16.52 -1.39
C ALA A 41 16.46 15.66 -2.64
N LEU A 42 15.90 14.45 -2.69
CA LEU A 42 16.13 13.55 -3.85
C LEU A 42 14.98 13.51 -4.81
N LYS A 43 14.02 14.42 -4.69
CA LYS A 43 12.87 14.44 -5.60
C LYS A 43 13.26 14.81 -7.02
N GLY A 44 12.70 14.10 -7.96
CA GLY A 44 13.01 14.29 -9.37
C GLY A 44 14.17 13.45 -9.91
N THR A 45 14.98 12.85 -9.02
CA THR A 45 16.05 11.93 -9.45
C THR A 45 15.53 10.51 -9.89
N SER A 46 16.31 9.88 -10.79
CA SER A 46 16.01 8.55 -11.35
C SER A 46 16.86 7.49 -10.69
N GLN A 47 18.00 7.94 -10.20
CA GLN A 47 18.95 7.13 -9.50
C GLN A 47 18.27 6.26 -8.49
N ILE A 48 18.84 5.07 -8.23
CA ILE A 48 18.19 4.06 -7.39
C ILE A 48 19.23 3.49 -6.46
N LYS A 49 18.98 3.61 -5.18
CA LYS A 49 19.91 3.11 -4.20
C LYS A 49 20.19 1.65 -4.38
N LEU A 50 21.44 1.26 -4.11
CA LEU A 50 21.83 -0.15 -3.88
C LEU A 50 22.06 -0.31 -2.40
N LEU A 51 21.30 -1.20 -1.80
CA LEU A 51 21.33 -1.29 -0.36
C LEU A 51 22.55 -2.07 0.07
N SER A 52 23.13 -1.66 1.19
CA SER A 52 24.15 -2.42 1.89
C SER A 52 23.52 -3.58 2.60
N SER A 53 24.37 -4.47 3.11
CA SER A 53 23.93 -5.59 3.93
C SER A 53 23.24 -5.13 5.19
N GLU A 54 23.74 -4.04 5.76
CA GLU A 54 23.08 -3.37 6.88
C GLU A 54 21.66 -2.86 6.48
N ASP A 55 21.56 -2.32 5.28
CA ASP A 55 20.30 -1.76 4.76
C ASP A 55 19.32 -2.94 4.58
N ILE A 56 19.84 -4.04 4.04
CA ILE A 56 19.05 -5.23 3.85
C ILE A 56 18.51 -5.79 5.16
N GLU A 57 19.34 -5.82 6.19
CA GLU A 57 18.89 -6.30 7.49
C GLU A 57 17.78 -5.44 8.06
N GLY A 58 17.96 -4.13 7.90
CA GLY A 58 17.01 -3.12 8.32
C GLY A 58 15.68 -3.25 7.58
N MET A 59 15.77 -3.55 6.29
CA MET A 59 14.58 -3.66 5.46
C MET A 59 13.84 -4.96 5.77
N ARG A 60 14.59 -6.03 5.99
CA ARG A 60 14.00 -7.29 6.45
C ARG A 60 13.26 -7.22 7.76
N LEU A 61 13.86 -6.56 8.73
CA LEU A 61 13.23 -6.39 10.02
C LEU A 61 11.93 -5.56 9.88
N VAL A 62 12.02 -4.36 9.35
CA VAL A 62 10.80 -3.52 9.36
C VAL A 62 9.69 -4.09 8.50
N CYS A 63 10.04 -4.77 7.41
CA CYS A 63 9.03 -5.41 6.50
C CYS A 63 8.34 -6.59 7.24
N ARG A 64 9.11 -7.32 8.07
CA ARG A 64 8.50 -8.41 8.86
C ARG A 64 7.53 -7.87 9.90
N LEU A 65 7.89 -6.73 10.52
CA LEU A 65 7.07 -6.12 11.57
C LEU A 65 5.76 -5.54 10.97
N ALA A 66 5.90 -5.01 9.78
CA ALA A 66 4.76 -4.46 9.01
C ALA A 66 3.79 -5.58 8.70
N ARG A 67 4.31 -6.72 8.25
CA ARG A 67 3.45 -7.87 7.98
C ARG A 67 2.74 -8.25 9.24
N GLU A 68 3.46 -8.24 10.36
CA GLU A 68 2.78 -8.61 11.62
C GLU A 68 1.59 -7.69 11.96
N VAL A 69 1.79 -6.39 11.74
CA VAL A 69 0.74 -5.39 11.96
C VAL A 69 -0.38 -5.57 10.94
N LEU A 70 -0.07 -5.86 9.68
CA LEU A 70 -1.16 -6.09 8.73
CA LEU A 70 -1.17 -6.10 8.73
C LEU A 70 -2.02 -7.29 9.25
N ASP A 71 -1.35 -8.31 9.74
CA ASP A 71 -2.05 -9.50 10.22
C ASP A 71 -2.96 -9.16 11.41
N VAL A 72 -2.61 -8.14 12.20
CA VAL A 72 -3.44 -7.71 13.29
C VAL A 72 -4.73 -7.11 12.74
N ALA A 73 -4.61 -6.26 11.73
CA ALA A 73 -5.78 -5.69 11.12
C ALA A 73 -6.67 -6.70 10.43
N ALA A 74 -6.08 -7.68 9.77
CA ALA A 74 -6.81 -8.68 9.04
C ALA A 74 -7.80 -9.41 9.99
N GLY A 75 -7.38 -9.68 11.22
CA GLY A 75 -8.20 -10.39 12.19
C GLY A 75 -9.39 -9.60 12.70
N MET A 76 -9.43 -8.29 12.43
CA MET A 76 -10.52 -7.42 12.83
C MET A 76 -11.53 -7.12 11.73
N ILE A 77 -11.31 -7.61 10.54
CA ILE A 77 -12.21 -7.26 9.47
C ILE A 77 -13.52 -8.05 9.67
N LYS A 78 -14.58 -7.35 10.00
CA LYS A 78 -15.87 -7.98 10.09
C LYS A 78 -16.94 -6.92 10.06
N PRO A 79 -18.17 -7.33 9.77
CA PRO A 79 -19.25 -6.38 9.76
C PRO A 79 -19.34 -5.63 11.08
N GLY A 80 -19.60 -4.34 11.02
CA GLY A 80 -19.78 -3.56 12.24
C GLY A 80 -18.57 -2.84 12.76
N VAL A 81 -17.36 -3.33 12.48
CA VAL A 81 -16.11 -2.65 12.93
C VAL A 81 -15.80 -1.42 12.04
N THR A 82 -15.47 -0.28 12.65
CA THR A 82 -15.23 0.94 11.90
C THR A 82 -13.76 0.93 11.49
N THR A 83 -13.48 1.56 10.38
CA THR A 83 -12.07 1.67 9.99
C THR A 83 -11.20 2.39 11.02
N GLU A 84 -11.77 3.34 11.76
CA GLU A 84 -11.08 3.95 12.88
C GLU A 84 -10.61 3.01 13.99
N GLU A 85 -11.42 2.01 14.29
CA GLU A 85 -11.09 1.02 15.30
C GLU A 85 -9.94 0.21 14.79
N ILE A 86 -9.98 -0.11 13.51
CA ILE A 86 -8.86 -0.89 12.92
C ILE A 86 -7.56 -0.04 13.04
N ASP A 87 -7.67 1.23 12.72
CA ASP A 87 -6.48 2.11 12.74
C ASP A 87 -5.99 2.22 14.19
N HIS A 88 -6.93 2.23 15.17
CA HIS A 88 -6.48 2.28 16.59
C HIS A 88 -5.57 1.04 16.91
N ALA A 89 -6.04 -0.14 16.55
CA ALA A 89 -5.37 -1.38 16.78
C ALA A 89 -4.05 -1.34 16.08
N VAL A 90 -4.10 -0.87 14.84
CA VAL A 90 -2.86 -0.77 14.08
C VAL A 90 -1.85 0.14 14.74
N HIS A 91 -2.30 1.31 15.18
CA HIS A 91 -1.41 2.29 15.83
C HIS A 91 -0.74 1.70 17.04
N LEU A 92 -1.53 1.01 17.83
CA LEU A 92 -0.97 0.33 19.03
C LEU A 92 0.00 -0.80 18.71
N ALA A 93 -0.37 -1.60 17.72
CA ALA A 93 0.55 -2.65 17.23
C ALA A 93 1.88 -2.15 16.72
N CYS A 94 1.89 -0.99 16.03
CA CYS A 94 3.15 -0.42 15.58
CA CYS A 94 3.09 -0.38 15.60
C CYS A 94 3.97 -0.07 16.81
N ILE A 95 3.35 0.62 17.76
CA ILE A 95 4.03 1.08 18.96
C ILE A 95 4.59 -0.08 19.74
N ALA A 96 3.79 -1.13 19.86
CA ALA A 96 4.16 -2.34 20.57
C ALA A 96 5.32 -3.00 19.91
N ARG A 97 5.57 -2.79 18.61
CA ARG A 97 6.80 -3.27 17.96
C ARG A 97 7.87 -2.24 17.84
N ASN A 98 7.75 -1.16 18.61
CA ASN A 98 8.79 -0.13 18.57
C ASN A 98 9.01 0.52 17.23
N CYS A 99 7.92 0.66 16.51
CA CYS A 99 7.91 1.32 15.21
C CYS A 99 6.97 2.55 15.23
N TYR A 100 7.29 3.51 14.39
CA TYR A 100 6.48 4.65 14.11
C TYR A 100 5.57 4.28 12.88
N PRO A 101 4.28 4.65 12.93
CA PRO A 101 3.33 4.38 11.82
C PRO A 101 3.55 5.41 10.77
N SER A 102 4.28 5.03 9.74
CA SER A 102 4.74 5.90 8.65
C SER A 102 3.70 6.84 8.06
N PRO A 103 2.43 6.39 7.88
CA PRO A 103 1.47 7.38 7.34
C PRO A 103 1.15 8.60 8.19
N LEU A 104 1.31 8.48 9.53
CA LEU A 104 0.92 9.44 10.48
C LEU A 104 1.71 10.75 10.30
N ASN A 105 0.96 11.80 9.98
CA ASN A 105 1.45 13.11 9.55
C ASN A 105 2.34 13.16 8.29
N TYR A 106 2.40 12.09 7.52
CA TYR A 106 2.96 12.16 6.18
C TYR A 106 2.10 13.14 5.37
N TYR A 107 2.67 14.31 5.08
CA TYR A 107 1.97 15.41 4.44
C TYR A 107 0.66 15.64 5.10
N ASN A 108 0.72 15.57 6.42
CA ASN A 108 -0.39 15.84 7.31
C ASN A 108 -1.48 14.82 7.26
N PHE A 109 -1.23 13.67 6.64
CA PHE A 109 -2.18 12.53 6.74
C PHE A 109 -2.50 12.26 8.22
N PRO A 110 -3.81 12.17 8.62
CA PRO A 110 -4.17 12.27 10.05
C PRO A 110 -4.25 10.92 10.80
N LYS A 111 -4.03 9.79 10.13
CA LYS A 111 -4.14 8.44 10.70
C LYS A 111 -2.86 7.64 10.50
N SER A 112 -2.87 6.40 10.99
CA SER A 112 -1.70 5.57 11.06
C SER A 112 -1.66 4.44 10.04
N CYS A 113 -2.72 4.34 9.21
CA CYS A 113 -2.75 3.40 8.13
C CYS A 113 -3.82 4.01 7.17
N CYS A 114 -3.88 3.46 5.97
CA CYS A 114 -4.94 3.76 5.03
C CYS A 114 -5.91 2.56 4.91
N THR A 115 -7.18 2.87 5.11
CA THR A 115 -8.27 1.90 4.88
C THR A 115 -9.14 2.37 3.65
N SER A 116 -9.21 1.55 2.61
CA SER A 116 -9.87 1.96 1.34
C SER A 116 -10.98 0.95 1.06
N VAL A 117 -12.21 1.39 1.19
CA VAL A 117 -13.40 0.59 1.08
C VAL A 117 -13.99 0.76 -0.33
N ASN A 118 -14.33 -0.36 -0.96
CA ASN A 118 -15.07 -0.35 -2.26
C ASN A 118 -14.46 0.52 -3.35
N GLU A 119 -15.05 1.68 -3.59
CA GLU A 119 -14.72 2.55 -4.70
C GLU A 119 -13.50 3.41 -4.36
N VAL A 120 -13.07 3.36 -3.09
CA VAL A 120 -11.76 3.96 -2.73
C VAL A 120 -10.65 3.04 -3.26
N ILE A 121 -9.90 3.66 -4.12
CA ILE A 121 -8.79 3.11 -4.70
C ILE A 121 -7.57 3.01 -3.76
N CYS A 122 -7.20 4.12 -3.14
CA CYS A 122 -6.14 4.07 -2.13
C CYS A 122 -6.20 5.33 -1.23
N HIS A 123 -5.43 5.32 -0.12
CA HIS A 123 -5.36 6.45 0.76
C HIS A 123 -6.59 6.85 1.47
N GLY A 124 -7.53 5.92 1.67
CA GLY A 124 -8.64 6.22 2.48
C GLY A 124 -8.26 6.46 3.92
N ILE A 125 -8.98 7.40 4.55
CA ILE A 125 -8.76 7.82 5.92
C ILE A 125 -9.63 7.02 6.85
N PRO A 126 -9.00 6.34 7.80
CA PRO A 126 -9.87 5.65 8.79
C PRO A 126 -10.83 6.61 9.49
N ASP A 127 -12.11 6.22 9.59
CA ASP A 127 -13.16 7.15 10.10
C ASP A 127 -14.26 6.33 10.81
N ARG A 128 -15.43 6.92 11.11
CA ARG A 128 -16.40 6.27 11.98
C ARG A 128 -17.38 5.38 11.27
N ARG A 129 -17.15 5.08 10.01
CA ARG A 129 -18.07 4.17 9.29
C ARG A 129 -17.84 2.70 9.65
N PRO A 130 -18.84 2.04 10.26
CA PRO A 130 -18.79 0.59 10.37
C PRO A 130 -18.77 -0.12 9.02
N LEU A 131 -17.88 -1.08 8.90
CA LEU A 131 -17.81 -1.92 7.72
C LEU A 131 -19.15 -2.68 7.57
N GLN A 132 -19.61 -2.76 6.34
CA GLN A 132 -20.87 -3.37 5.96
C GLN A 132 -20.66 -4.69 5.23
N GLU A 133 -21.50 -5.70 5.54
CA GLU A 133 -21.42 -6.97 4.83
C GLU A 133 -21.48 -6.72 3.36
N GLY A 134 -20.62 -7.38 2.62
CA GLY A 134 -20.54 -7.15 1.18
C GLY A 134 -19.41 -6.20 0.79
N ASP A 135 -18.90 -5.47 1.76
CA ASP A 135 -17.80 -4.52 1.46
C ASP A 135 -16.53 -5.29 1.07
N ILE A 136 -15.67 -4.66 0.25
CA ILE A 136 -14.24 -5.04 0.21
C ILE A 136 -13.40 -3.88 0.83
N VAL A 137 -12.39 -4.22 1.63
CA VAL A 137 -11.57 -3.20 2.29
C VAL A 137 -10.09 -3.59 2.21
N ASN A 138 -9.33 -2.64 1.72
CA ASN A 138 -7.86 -2.69 1.73
C ASN A 138 -7.30 -1.89 2.95
N VAL A 139 -6.38 -2.54 3.64
CA VAL A 139 -5.65 -1.88 4.69
C VAL A 139 -4.17 -1.86 4.25
N ASP A 140 -3.58 -0.67 4.24
CA ASP A 140 -2.23 -0.48 3.77
C ASP A 140 -1.44 0.01 5.02
N ILE A 141 -0.42 -0.75 5.30
CA ILE A 141 0.44 -0.60 6.53
C ILE A 141 1.80 -0.19 6.00
N THR A 142 2.30 0.89 6.57
CA THR A 142 3.74 1.23 6.47
C THR A 142 4.32 1.54 7.87
N LEU A 143 5.41 0.84 8.24
CA LEU A 143 6.06 1.02 9.52
C LEU A 143 7.46 1.57 9.26
N TYR A 144 7.98 2.26 10.29
CA TYR A 144 9.33 2.88 10.26
C TYR A 144 10.07 2.48 11.52
N ARG A 145 11.24 1.90 11.34
CA ARG A 145 12.03 1.34 12.42
C ARG A 145 13.51 1.50 12.06
N ASN A 146 14.26 2.11 12.98
CA ASN A 146 15.72 2.27 12.80
C ASN A 146 16.10 2.92 11.52
N GLY A 147 15.32 3.89 11.09
CA GLY A 147 15.63 4.54 9.82
C GLY A 147 15.05 3.94 8.56
N TYR A 148 14.32 2.83 8.65
CA TYR A 148 13.83 2.17 7.39
C TYR A 148 12.31 2.01 7.41
N HIS A 149 11.72 2.16 6.24
CA HIS A 149 10.33 1.95 6.06
C HIS A 149 10.00 0.61 5.37
N GLY A 150 8.91 -0.02 5.80
CA GLY A 150 8.45 -1.24 5.17
C GLY A 150 6.96 -1.15 4.86
N ASP A 151 6.54 -1.64 3.71
CA ASP A 151 5.20 -1.27 3.14
C ASP A 151 4.49 -2.50 2.53
N LEU A 152 3.27 -2.76 3.01
CA LEU A 152 2.44 -3.81 2.41
C LEU A 152 0.97 -3.50 2.51
N ASN A 153 0.15 -4.13 1.65
CA ASN A 153 -1.30 -4.02 1.76
C ASN A 153 -1.99 -5.24 1.16
N GLU A 154 -3.23 -5.46 1.61
CA GLU A 154 -4.08 -6.50 1.09
C GLU A 154 -5.51 -6.00 1.16
N THR A 155 -6.35 -6.52 0.25
CA THR A 155 -7.77 -6.27 0.25
C THR A 155 -8.46 -7.46 0.93
N PHE A 156 -9.48 -7.15 1.71
CA PHE A 156 -10.19 -8.16 2.46
C PHE A 156 -11.66 -8.15 2.14
N PHE A 157 -12.31 -9.31 2.40
CA PHE A 157 -13.76 -9.44 2.35
C PHE A 157 -14.36 -9.19 3.73
N VAL A 158 -15.49 -8.48 3.75
CA VAL A 158 -16.25 -8.22 4.95
C VAL A 158 -17.50 -9.13 4.86
N GLY A 159 -17.51 -10.18 5.66
CA GLY A 159 -18.44 -11.30 5.46
C GLY A 159 -18.58 -11.71 4.00
N GLU A 160 -19.79 -12.04 3.60
CA GLU A 160 -20.00 -12.65 2.29
C GLU A 160 -20.07 -11.52 1.31
N VAL A 161 -19.47 -11.72 0.14
CA VAL A 161 -19.34 -10.69 -0.88
C VAL A 161 -19.85 -11.26 -2.15
N ASP A 162 -20.16 -10.45 -3.14
CA ASP A 162 -20.70 -11.04 -4.38
C ASP A 162 -19.59 -11.56 -5.31
N ASP A 163 -19.98 -12.39 -6.29
CA ASP A 163 -19.00 -12.94 -7.27
C ASP A 163 -18.11 -11.88 -7.89
N GLY A 164 -18.66 -10.68 -8.11
CA GLY A 164 -17.82 -9.64 -8.73
C GLY A 164 -16.62 -9.20 -7.85
N ALA A 165 -16.91 -9.13 -6.56
CA ALA A 165 -15.96 -8.78 -5.55
C ALA A 165 -14.89 -9.87 -5.53
N ARG A 166 -15.32 -11.15 -5.50
CA ARG A 166 -14.39 -12.29 -5.55
C ARG A 166 -13.48 -12.26 -6.74
N LYS A 167 -14.06 -12.08 -7.92
CA LYS A 167 -13.27 -12.00 -9.08
C LYS A 167 -12.25 -10.82 -9.08
N LEU A 168 -12.68 -9.62 -8.59
CA LEU A 168 -11.84 -8.44 -8.68
C LEU A 168 -10.63 -8.66 -7.71
N VAL A 169 -10.91 -9.20 -6.56
CA VAL A 169 -9.84 -9.36 -5.54
C VAL A 169 -8.87 -10.43 -6.03
N GLN A 170 -9.40 -11.56 -6.50
CA GLN A 170 -8.57 -12.59 -7.02
C GLN A 170 -7.66 -12.14 -8.12
N THR A 171 -8.24 -11.54 -9.12
CA THR A 171 -7.48 -11.08 -10.23
C THR A 171 -6.39 -10.08 -9.83
N THR A 172 -6.70 -9.19 -8.88
CA THR A 172 -5.71 -8.17 -8.44
C THR A 172 -4.48 -8.84 -7.83
N TYR A 173 -4.75 -9.81 -6.97
CA TYR A 173 -3.65 -10.57 -6.31
C TYR A 173 -2.83 -11.29 -7.37
N GLU A 174 -3.55 -11.90 -8.33
CA GLU A 174 -2.91 -12.61 -9.42
C GLU A 174 -2.08 -11.63 -10.21
N CYS A 175 -2.60 -10.44 -10.49
CA CYS A 175 -1.76 -9.38 -11.12
C CYS A 175 -0.46 -9.11 -10.40
N LEU A 176 -0.58 -8.97 -9.08
CA LEU A 176 0.57 -8.74 -8.24
C LEU A 176 1.60 -9.88 -8.38
N MET A 177 1.19 -11.12 -8.18
CA MET A 177 2.06 -12.26 -8.15
C MET A 177 2.71 -12.51 -9.52
N GLN A 178 1.97 -12.22 -10.59
CA GLN A 178 2.58 -12.35 -11.91
C GLN A 178 3.66 -11.32 -12.13
N ALA A 179 3.46 -10.12 -11.66
CA ALA A 179 4.51 -9.11 -11.70
C ALA A 179 5.71 -9.46 -10.90
N ILE A 180 5.48 -9.94 -9.72
CA ILE A 180 6.58 -10.30 -8.83
C ILE A 180 7.40 -11.41 -9.42
N ASP A 181 6.73 -12.35 -10.09
CA ASP A 181 7.38 -13.46 -10.69
C ASP A 181 8.30 -13.10 -11.81
N ALA A 182 8.07 -11.95 -12.43
CA ALA A 182 8.96 -11.42 -13.43
C ALA A 182 10.13 -10.64 -12.88
N VAL A 183 10.22 -10.37 -11.57
CA VAL A 183 11.27 -9.51 -11.06
C VAL A 183 12.60 -10.28 -10.92
N LYS A 184 13.67 -9.70 -11.47
CA LYS A 184 15.06 -10.19 -11.34
C LYS A 184 16.00 -9.19 -12.05
N PRO A 185 17.32 -9.28 -11.78
CA PRO A 185 18.21 -8.33 -12.45
C PRO A 185 18.03 -8.32 -13.97
N GLY A 186 18.08 -7.10 -14.51
CA GLY A 186 18.07 -6.84 -15.96
C GLY A 186 16.71 -6.60 -16.57
N VAL A 187 15.64 -6.76 -15.76
CA VAL A 187 14.29 -6.51 -16.25
C VAL A 187 14.00 -5.01 -16.04
N ARG A 188 13.36 -4.43 -17.05
CA ARG A 188 13.00 -3.01 -17.06
C ARG A 188 11.81 -2.82 -16.11
N TYR A 189 11.89 -1.80 -15.25
CA TYR A 189 10.76 -1.47 -14.32
C TYR A 189 9.50 -1.25 -15.11
N ARG A 190 9.65 -0.68 -16.31
CA ARG A 190 8.48 -0.46 -17.16
CA ARG A 190 8.65 -0.51 -17.36
C ARG A 190 7.76 -1.72 -17.62
N GLU A 191 8.36 -2.91 -17.54
CA GLU A 191 7.71 -4.14 -18.01
C GLU A 191 6.57 -4.68 -17.14
N LEU A 192 6.64 -4.38 -15.86
CA LEU A 192 5.66 -4.90 -14.89
C LEU A 192 4.27 -4.44 -15.24
N GLY A 193 4.15 -3.19 -15.65
CA GLY A 193 2.84 -2.68 -16.12
C GLY A 193 2.21 -3.48 -17.29
N ASN A 194 3.01 -3.93 -18.27
CA ASN A 194 2.47 -4.78 -19.33
C ASN A 194 1.95 -6.06 -18.77
N ILE A 195 2.68 -6.67 -17.83
CA ILE A 195 2.18 -7.91 -17.27
C ILE A 195 0.87 -7.67 -16.52
N ILE A 196 0.87 -6.62 -15.71
CA ILE A 196 -0.32 -6.33 -14.86
C ILE A 196 -1.54 -6.05 -15.69
N GLN A 197 -1.41 -5.12 -16.62
CA GLN A 197 -2.53 -4.74 -17.49
C GLN A 197 -3.03 -5.91 -18.33
N LYS A 198 -2.11 -6.69 -18.88
CA LYS A 198 -2.55 -7.85 -19.69
C LYS A 198 -3.46 -8.78 -18.88
N HIS A 199 -3.12 -9.10 -17.64
CA HIS A 199 -4.01 -9.95 -16.86
C HIS A 199 -5.35 -9.25 -16.48
N ALA A 200 -5.28 -7.98 -16.15
CA ALA A 200 -6.47 -7.25 -15.68
C ALA A 200 -7.47 -7.13 -16.83
N GLN A 201 -6.95 -6.72 -17.99
CA GLN A 201 -7.76 -6.55 -19.22
C GLN A 201 -8.50 -7.87 -19.45
N ALA A 202 -7.77 -8.95 -19.40
CA ALA A 202 -8.29 -10.21 -19.79
C ALA A 202 -9.44 -10.60 -18.91
N ASN A 203 -9.59 -9.95 -17.78
CA ASN A 203 -10.69 -10.30 -16.89
C ASN A 203 -11.68 -9.19 -16.77
N GLY A 204 -11.52 -8.20 -17.64
CA GLY A 204 -12.50 -7.17 -17.82
C GLY A 204 -12.36 -6.03 -16.83
N PHE A 205 -11.16 -5.89 -16.29
CA PHE A 205 -10.89 -4.92 -15.27
C PHE A 205 -9.89 -4.02 -15.89
N SER A 206 -9.85 -2.80 -15.36
CA SER A 206 -8.93 -1.73 -15.73
C SER A 206 -7.94 -1.41 -14.59
N VAL A 207 -6.94 -0.57 -14.93
CA VAL A 207 -5.74 -0.32 -14.15
C VAL A 207 -5.51 1.18 -13.86
N VAL A 208 -5.50 1.53 -12.58
CA VAL A 208 -5.28 2.91 -12.13
C VAL A 208 -3.94 3.40 -12.61
N ARG A 209 -3.94 4.64 -13.08
CA ARG A 209 -2.77 5.23 -13.69
C ARG A 209 -2.08 6.24 -12.81
N SER A 210 -2.78 6.88 -11.87
CA SER A 210 -2.20 8.04 -11.21
C SER A 210 -1.35 7.68 -10.02
N TYR A 211 -1.47 6.43 -9.57
CA TYR A 211 -0.70 5.93 -8.44
C TYR A 211 0.13 4.76 -8.96
N CYS A 212 1.35 4.66 -8.42
CA CYS A 212 2.34 3.69 -8.77
CA CYS A 212 2.25 3.58 -8.76
C CYS A 212 3.04 3.03 -7.57
N GLY A 213 3.71 1.91 -7.77
CA GLY A 213 4.67 1.42 -6.82
C GLY A 213 5.90 2.34 -6.78
N HIS A 214 6.80 2.09 -5.84
CA HIS A 214 7.87 2.99 -5.60
C HIS A 214 9.03 2.33 -4.86
N GLY A 215 10.20 2.95 -4.97
CA GLY A 215 11.32 2.59 -4.13
C GLY A 215 11.05 2.97 -2.67
N ILE A 216 11.62 2.21 -1.78
CA ILE A 216 11.42 2.47 -0.42
C ILE A 216 12.62 1.90 0.34
N HIS A 217 13.07 2.66 1.34
CA HIS A 217 14.05 2.16 2.32
C HIS A 217 14.16 3.23 3.39
N LYS A 218 15.19 4.07 3.35
CA LYS A 218 15.33 5.21 4.27
C LYS A 218 14.34 6.33 3.97
N LEU A 219 13.85 6.37 2.74
CA LEU A 219 12.75 7.26 2.37
C LEU A 219 11.50 6.39 2.09
N MET A 220 10.31 6.94 2.28
CA MET A 220 9.09 6.16 2.13
C MET A 220 8.73 5.95 0.67
N HIS A 221 8.93 7.01 -0.11
CA HIS A 221 8.69 6.96 -1.56
C HIS A 221 9.83 7.63 -2.26
N THR A 222 10.52 6.88 -3.10
CA THR A 222 11.63 7.41 -3.86
C THR A 222 11.79 6.58 -5.12
N ALA A 223 12.85 6.84 -5.90
CA ALA A 223 13.06 6.12 -7.16
C ALA A 223 13.23 4.65 -6.90
N PRO A 224 12.70 3.80 -7.78
CA PRO A 224 11.97 4.03 -8.99
C PRO A 224 10.49 4.24 -8.80
N ASN A 225 9.93 4.98 -9.76
CA ASN A 225 8.50 4.97 -9.95
C ASN A 225 8.13 3.71 -10.71
N VAL A 226 7.04 3.06 -10.31
CA VAL A 226 6.70 1.79 -10.95
C VAL A 226 5.19 1.75 -11.30
N PRO A 227 4.80 2.20 -12.52
CA PRO A 227 3.41 2.10 -12.97
C PRO A 227 2.98 0.69 -13.17
N HIS A 228 1.67 0.47 -13.03
CA HIS A 228 1.07 -0.83 -13.11
C HIS A 228 0.33 -1.04 -14.48
N TYR A 229 0.40 -0.04 -15.36
CA TYR A 229 -0.31 -0.08 -16.67
C TYR A 229 0.62 -0.25 -17.90
N ALA A 230 0.04 -0.64 -19.03
CA ALA A 230 0.84 -1.12 -20.19
C ALA A 230 1.46 0.05 -20.93
N LYS A 231 2.57 -0.21 -21.61
CA LYS A 231 3.23 0.80 -22.45
C LYS A 231 3.63 2.03 -21.69
N ASN A 232 4.11 1.87 -20.47
CA ASN A 232 4.39 3.08 -19.67
C ASN A 232 5.82 3.53 -19.84
N LYS A 233 6.11 4.73 -19.42
CA LYS A 233 7.45 5.26 -19.67
C LYS A 233 8.42 5.14 -18.53
N ALA A 234 8.17 4.23 -17.58
CA ALA A 234 9.03 4.18 -16.37
C ALA A 234 10.44 3.94 -16.79
N VAL A 235 11.31 4.50 -15.96
CA VAL A 235 12.73 4.60 -16.13
C VAL A 235 13.53 3.70 -15.20
N GLY A 236 14.30 2.79 -15.79
CA GLY A 236 15.36 2.11 -15.02
C GLY A 236 15.31 0.60 -15.16
N VAL A 237 16.34 -0.03 -14.63
CA VAL A 237 16.56 -1.45 -14.84
C VAL A 237 16.84 -2.15 -13.51
N MET A 238 16.14 -3.26 -13.27
CA MET A 238 16.33 -3.92 -11.98
C MET A 238 17.73 -4.48 -11.80
N LYS A 239 18.21 -4.40 -10.56
CA LYS A 239 19.54 -4.80 -10.15
C LYS A 239 19.56 -5.35 -8.74
N SER A 240 20.36 -6.39 -8.54
CA SER A 240 20.55 -6.94 -7.21
C SER A 240 20.88 -5.86 -6.14
N GLY A 241 20.10 -5.81 -5.06
CA GLY A 241 20.19 -4.67 -4.12
C GLY A 241 19.15 -3.55 -4.25
N HIS A 242 18.36 -3.51 -5.34
CA HIS A 242 17.22 -2.61 -5.41
C HIS A 242 16.10 -3.10 -4.46
N VAL A 243 15.36 -2.14 -3.86
CA VAL A 243 14.14 -2.45 -3.08
C VAL A 243 13.06 -1.51 -3.52
N PHE A 244 11.90 -2.09 -3.81
CA PHE A 244 10.79 -1.32 -4.29
C PHE A 244 9.45 -2.04 -4.05
N THR A 245 8.35 -1.35 -4.23
CA THR A 245 7.03 -2.00 -4.14
C THR A 245 6.41 -2.14 -5.48
N ILE A 246 5.54 -3.13 -5.59
CA ILE A 246 4.58 -3.25 -6.70
C ILE A 246 3.21 -3.34 -5.97
N GLU A 247 2.23 -2.52 -6.37
CA GLU A 247 0.98 -2.33 -5.58
C GLU A 247 -0.18 -2.03 -6.46
N PRO A 248 -0.44 -2.95 -7.38
CA PRO A 248 -1.46 -2.60 -8.39
C PRO A 248 -2.87 -2.34 -7.81
N MET A 249 -3.50 -1.28 -8.31
CA MET A 249 -4.87 -0.94 -8.06
C MET A 249 -5.66 -1.22 -9.36
N ILE A 250 -6.66 -2.09 -9.25
CA ILE A 250 -7.39 -2.58 -10.43
C ILE A 250 -8.85 -2.25 -10.20
N CYS A 251 -9.63 -1.94 -11.25
CA CYS A 251 -11.02 -1.54 -11.03
C CYS A 251 -12.04 -2.24 -11.94
N GLU A 252 -13.25 -2.38 -11.43
CA GLU A 252 -14.41 -2.96 -12.09
C GLU A 252 -14.85 -2.20 -13.31
N GLY A 253 -14.81 -0.87 -13.22
CA GLY A 253 -15.30 0.03 -14.28
C GLY A 253 -14.06 0.56 -14.94
N GLY A 254 -13.98 1.86 -15.10
CA GLY A 254 -12.83 2.53 -15.74
C GLY A 254 -11.73 2.83 -14.73
N TRP A 255 -10.63 3.37 -15.25
CA TRP A 255 -9.40 3.51 -14.55
C TRP A 255 -9.30 4.86 -13.83
N GLN A 256 -10.17 5.79 -14.19
CA GLN A 256 -9.94 7.19 -13.79
C GLN A 256 -10.27 7.37 -12.30
N ASP A 257 -9.49 8.19 -11.65
CA ASP A 257 -9.51 8.42 -10.20
C ASP A 257 -9.73 9.91 -9.96
N GLU A 258 -10.27 10.28 -8.82
CA GLU A 258 -10.24 11.67 -8.40
C GLU A 258 -10.12 11.68 -6.86
N THR A 259 -9.83 12.83 -6.28
CA THR A 259 -9.57 12.95 -4.81
C THR A 259 -10.69 13.65 -4.08
N TRP A 260 -11.06 13.13 -2.89
CA TRP A 260 -12.09 13.70 -2.09
C TRP A 260 -11.58 15.04 -1.60
N PRO A 261 -12.47 15.90 -1.10
CA PRO A 261 -11.96 17.22 -0.66
C PRO A 261 -11.05 17.10 0.55
N ASP A 262 -11.06 15.95 1.27
CA ASP A 262 -10.03 15.73 2.36
C ASP A 262 -8.59 15.76 1.84
N GLY A 263 -8.42 15.77 0.50
CA GLY A 263 -7.06 15.93 -0.10
C GLY A 263 -6.25 14.62 -0.22
N TRP A 264 -6.81 13.52 0.29
CA TRP A 264 -6.21 12.18 0.28
C TRP A 264 -7.01 11.05 -0.46
N THR A 265 -8.28 10.85 -0.08
CA THR A 265 -8.99 9.70 -0.47
C THR A 265 -9.14 9.70 -2.02
N ALA A 266 -8.66 8.64 -2.67
CA ALA A 266 -8.65 8.52 -4.12
C ALA A 266 -9.74 7.56 -4.41
N VAL A 267 -10.69 8.00 -5.26
CA VAL A 267 -11.85 7.15 -5.58
C VAL A 267 -11.98 6.99 -7.11
N THR A 268 -12.67 5.91 -7.51
CA THR A 268 -13.04 5.72 -8.93
C THR A 268 -13.96 6.94 -9.28
N ARG A 269 -13.64 7.63 -10.36
CA ARG A 269 -14.59 8.65 -10.87
C ARG A 269 -16.00 8.03 -11.18
N ASP A 270 -16.06 6.76 -11.60
CA ASP A 270 -17.33 6.11 -11.84
C ASP A 270 -17.98 5.43 -10.68
N GLY A 271 -17.36 5.37 -9.50
CA GLY A 271 -18.05 4.77 -8.37
C GLY A 271 -18.07 3.28 -8.21
N LYS A 272 -17.36 2.60 -9.11
CA LYS A 272 -17.17 1.16 -9.15
C LYS A 272 -15.95 0.79 -8.26
N ARG A 273 -15.80 -0.48 -8.00
CA ARG A 273 -14.96 -0.93 -6.88
C ARG A 273 -13.57 -1.07 -7.40
N SER A 274 -12.60 -0.92 -6.47
CA SER A 274 -11.18 -1.06 -6.77
C SER A 274 -10.55 -1.94 -5.68
N ALA A 275 -9.59 -2.78 -6.06
CA ALA A 275 -8.87 -3.59 -5.15
C ALA A 275 -7.36 -3.45 -5.46
N GLN A 276 -6.57 -3.73 -4.40
CA GLN A 276 -5.11 -3.50 -4.42
C GLN A 276 -4.40 -4.56 -3.56
N PHE A 277 -3.21 -4.96 -3.98
CA PHE A 277 -2.35 -5.73 -3.10
C PHE A 277 -0.97 -5.12 -3.29
N GLU A 278 -0.09 -5.26 -2.28
CA GLU A 278 1.21 -4.64 -2.29
C GLU A 278 2.21 -5.49 -1.51
N HIS A 279 3.46 -5.63 -2.03
CA HIS A 279 4.56 -6.17 -1.30
C HIS A 279 5.76 -5.22 -1.58
N THR A 280 6.68 -5.22 -0.64
CA THR A 280 8.00 -4.57 -0.77
C THR A 280 8.93 -5.73 -1.19
N LEU A 281 9.73 -5.50 -2.23
CA LEU A 281 10.52 -6.56 -2.80
C LEU A 281 12.02 -6.16 -2.76
N LEU A 282 12.91 -7.12 -2.55
CA LEU A 282 14.37 -6.91 -2.71
C LEU A 282 14.88 -7.74 -3.86
N VAL A 283 15.47 -7.09 -4.85
CA VAL A 283 15.94 -7.83 -6.02
C VAL A 283 17.24 -8.54 -5.62
N THR A 284 17.34 -9.83 -5.92
CA THR A 284 18.49 -10.62 -5.54
C THR A 284 19.17 -11.08 -6.82
N ASP A 285 20.25 -11.83 -6.69
CA ASP A 285 20.91 -12.39 -7.86
C ASP A 285 19.99 -13.30 -8.69
N THR A 286 19.20 -14.19 -8.07
CA THR A 286 18.34 -15.11 -8.78
C THR A 286 16.94 -14.54 -9.16
N GLY A 287 16.45 -13.55 -8.42
CA GLY A 287 15.08 -13.09 -8.57
C GLY A 287 14.80 -12.01 -7.55
N CYS A 288 13.87 -12.27 -6.65
CA CYS A 288 13.63 -11.31 -5.59
CA CYS A 288 13.54 -11.30 -5.63
C CYS A 288 13.12 -11.98 -4.35
N GLU A 289 13.26 -11.27 -3.30
CA GLU A 289 12.86 -11.72 -1.97
C GLU A 289 11.63 -10.87 -1.60
N ILE A 290 10.55 -11.54 -1.23
CA ILE A 290 9.32 -10.84 -0.81
C ILE A 290 9.44 -10.57 0.70
N LEU A 291 9.85 -9.35 0.99
CA LEU A 291 10.20 -8.96 2.34
C LEU A 291 9.01 -8.87 3.21
N THR A 292 7.88 -8.55 2.62
CA THR A 292 6.63 -8.42 3.39
C THR A 292 5.76 -9.70 3.33
N ARG A 293 6.36 -10.82 2.92
CA ARG A 293 5.63 -12.10 2.84
C ARG A 293 4.96 -12.49 4.11
N ARG A 294 3.87 -13.19 3.95
CA ARG A 294 3.16 -13.78 5.12
C ARG A 294 3.94 -15.02 5.53
N LEU A 295 4.24 -15.16 6.83
CA LEU A 295 5.13 -16.26 7.29
C LEU A 295 4.39 -17.56 7.75
N ASP A 296 3.27 -17.35 8.43
CA ASP A 296 2.36 -18.38 8.90
C ASP A 296 1.29 -18.77 7.85
N SER A 297 1.57 -18.68 6.55
CA SER A 297 0.60 -19.14 5.51
C SER A 297 1.06 -18.76 4.15
N ALA A 298 0.79 -19.65 3.21
CA ALA A 298 1.27 -19.55 1.84
C ALA A 298 0.50 -18.48 1.06
N ARG A 299 -0.59 -18.01 1.66
CA ARG A 299 -1.67 -17.27 0.96
C ARG A 299 -2.16 -15.98 1.67
N PRO A 300 -2.67 -15.06 0.89
CA PRO A 300 -3.28 -13.88 1.52
C PRO A 300 -4.54 -14.18 2.24
N HIS A 301 -4.92 -13.25 3.09
CA HIS A 301 -6.02 -13.42 3.98
C HIS A 301 -7.33 -13.75 3.32
N PHE A 302 -7.58 -13.17 2.16
CA PHE A 302 -8.86 -13.33 1.50
C PHE A 302 -9.14 -14.78 1.03
N MET A 303 -8.09 -15.58 0.88
CA MET A 303 -8.27 -16.95 0.49
C MET A 303 -8.67 -17.91 1.63
N SER A 304 -8.84 -17.47 2.88
CA SER A 304 -9.01 -18.46 3.97
C SER A 304 -10.31 -19.26 3.81
CO CO B . 1.49 0.89 0.88
CO CO C . 3.62 1.46 -1.25
K K D . -11.11 -0.39 -2.51
C1 GOL E . -12.21 5.15 5.44
O1 GOL E . -11.43 4.38 6.29
C2 GOL E . -13.24 4.18 4.98
O2 GOL E . -14.43 4.01 5.91
C3 GOL E . -13.24 4.68 3.50
O3 GOL E . -12.33 3.77 2.79
C1 GOL F . 0.54 8.48 1.36
O1 GOL F . 1.22 7.21 1.40
C2 GOL F . -0.28 8.68 2.63
O2 GOL F . -1.63 8.27 2.42
C3 GOL F . 0.28 7.84 3.73
O3 GOL F . 0.43 6.56 3.13
#